data_1M7P
#
_entry.id   1M7P
#
_cell.length_a   54.124
_cell.length_b   51.082
_cell.length_c   89.549
_cell.angle_alpha   90.00
_cell.angle_beta   91.39
_cell.angle_gamma   90.00
#
_symmetry.space_group_name_H-M   'P 1 21 1'
#
loop_
_entity.id
_entity.type
_entity.pdbx_description
1 polymer 'Triosephosphate Isomerase'
2 non-polymer GLYCERALDEHYDE-3-PHOSPHATE
3 water water
#
_entity_poly.entity_id   1
_entity_poly.type   'polypeptide(L)'
_entity_poly.pdbx_seq_one_letter_code
;MARKYFVAANWKCNGTLESIKSLTNSFNNLDFDPSKLDVVVFPVSVHYDHTRKLLQSKFSTGIQNVSKFGNGSYTGEVSA
EIAKDLNIEYVIIGHFERRKYFHETDEDVREKLQASLKNNLKAVVCFGESLEQREQNKTIEVITKQVKAFVDLIDNFDNV
ILVYEPLWAIGTGKTATPEQAQLVHKEIRKIVKDTCGEKQANQIRILYGGSVNTENCSSLIQQEDIDGFLVGNASLKESF
VDIIKSAM
;
_entity_poly.pdbx_strand_id   A,B
#
# COMPACT_ATOMS: atom_id res chain seq x y z
N ARG A 3 -13.93 10.67 -28.70
CA ARG A 3 -13.13 9.89 -27.71
C ARG A 3 -14.00 9.00 -26.85
N LYS A 4 -13.43 7.86 -26.51
CA LYS A 4 -14.05 6.79 -25.72
C LYS A 4 -14.32 7.12 -24.24
N TYR A 5 -15.58 7.06 -23.81
CA TYR A 5 -15.88 7.32 -22.40
C TYR A 5 -15.25 6.26 -21.53
N PHE A 6 -14.91 6.72 -20.32
CA PHE A 6 -14.24 5.99 -19.25
C PHE A 6 -15.02 6.12 -17.92
N VAL A 7 -15.40 4.97 -17.36
CA VAL A 7 -16.12 4.93 -16.09
C VAL A 7 -15.31 4.04 -15.15
N ALA A 8 -14.98 4.57 -13.98
CA ALA A 8 -14.17 3.79 -13.05
C ALA A 8 -14.77 3.74 -11.65
N ALA A 9 -14.58 2.59 -11.02
CA ALA A 9 -15.09 2.38 -9.67
C ALA A 9 -13.90 2.36 -8.72
N ASN A 10 -13.87 3.28 -7.79
CA ASN A 10 -12.79 3.32 -6.82
C ASN A 10 -13.43 2.86 -5.52
N TRP A 11 -13.25 1.60 -5.20
CA TRP A 11 -13.82 1.02 -3.99
C TRP A 11 -13.09 1.51 -2.76
N LYS A 12 -11.96 2.18 -2.98
CA LYS A 12 -11.18 2.69 -1.87
C LYS A 12 -10.86 1.54 -0.92
N CYS A 13 -10.97 1.80 0.38
CA CYS A 13 -10.68 0.79 1.40
C CYS A 13 -11.97 0.16 1.90
N ASN A 14 -12.62 -0.62 1.04
CA ASN A 14 -13.87 -1.28 1.40
C ASN A 14 -14.00 -2.66 0.77
N GLY A 15 -14.76 -3.52 1.43
CA GLY A 15 -15.00 -4.84 0.90
C GLY A 15 -14.61 -6.03 1.76
N THR A 16 -15.34 -7.12 1.55
CA THR A 16 -15.09 -8.37 2.22
C THR A 16 -15.14 -9.34 1.04
N LEU A 17 -14.71 -10.58 1.25
CA LEU A 17 -14.76 -11.55 0.17
C LEU A 17 -16.20 -11.71 -0.31
N GLU A 18 -17.14 -11.80 0.63
CA GLU A 18 -18.55 -11.97 0.31
C GLU A 18 -19.14 -10.78 -0.45
N SER A 19 -18.96 -9.58 0.09
CA SER A 19 -19.51 -8.38 -0.54
C SER A 19 -19.03 -8.20 -1.98
N ILE A 20 -17.78 -8.54 -2.24
CA ILE A 20 -17.24 -8.39 -3.58
C ILE A 20 -17.86 -9.46 -4.50
N LYS A 21 -18.07 -10.65 -3.93
CA LYS A 21 -18.64 -11.79 -4.65
C LYS A 21 -20.13 -11.61 -4.88
N SER A 22 -20.66 -10.51 -4.37
CA SER A 22 -22.06 -10.19 -4.50
C SER A 22 -22.15 -8.98 -5.43
N LEU A 23 -21.21 -8.06 -5.27
CA LEU A 23 -21.17 -6.86 -6.09
C LEU A 23 -20.76 -7.20 -7.52
N THR A 24 -19.80 -8.10 -7.68
CA THR A 24 -19.32 -8.48 -9.01
C THR A 24 -20.36 -9.28 -9.80
N ASN A 25 -21.16 -10.09 -9.11
CA ASN A 25 -22.16 -10.86 -9.82
C ASN A 25 -23.19 -9.91 -10.41
N SER A 26 -23.44 -8.82 -9.71
CA SER A 26 -24.37 -7.80 -10.16
C SER A 26 -23.75 -7.00 -11.32
N PHE A 27 -22.45 -6.73 -11.27
CA PHE A 27 -21.78 -6.00 -12.35
C PHE A 27 -21.75 -6.83 -13.63
N ASN A 28 -21.54 -8.13 -13.51
CA ASN A 28 -21.48 -8.98 -14.70
C ASN A 28 -22.79 -9.08 -15.46
N ASN A 29 -23.92 -8.78 -14.82
CA ASN A 29 -25.18 -8.88 -15.52
C ASN A 29 -25.30 -7.80 -16.61
N LEU A 30 -24.53 -6.73 -16.47
CA LEU A 30 -24.58 -5.66 -17.44
C LEU A 30 -23.99 -6.07 -18.79
N ASP A 31 -24.79 -5.89 -19.85
CA ASP A 31 -24.36 -6.24 -21.20
C ASP A 31 -23.84 -5.00 -21.91
N PHE A 32 -22.52 -4.90 -22.05
CA PHE A 32 -21.97 -3.75 -22.75
C PHE A 32 -20.74 -4.16 -23.54
N ASP A 33 -20.39 -3.35 -24.53
CA ASP A 33 -19.25 -3.62 -25.40
C ASP A 33 -17.98 -2.89 -24.97
N PRO A 34 -17.01 -3.63 -24.41
CA PRO A 34 -15.74 -3.09 -23.92
C PRO A 34 -14.93 -2.32 -24.97
N SER A 35 -15.30 -2.46 -26.23
CA SER A 35 -14.58 -1.79 -27.30
C SER A 35 -15.05 -0.37 -27.52
N LYS A 36 -16.23 -0.05 -26.99
CA LYS A 36 -16.83 1.28 -27.14
C LYS A 36 -16.80 2.09 -25.84
N LEU A 37 -16.66 1.38 -24.72
CA LEU A 37 -16.64 2.03 -23.41
C LEU A 37 -15.61 1.38 -22.50
N ASP A 38 -14.89 2.17 -21.73
CA ASP A 38 -13.91 1.63 -20.82
C ASP A 38 -14.50 1.66 -19.42
N VAL A 39 -14.55 0.49 -18.78
CA VAL A 39 -15.09 0.39 -17.44
C VAL A 39 -14.00 -0.30 -16.62
N VAL A 40 -13.49 0.43 -15.62
CA VAL A 40 -12.42 -0.10 -14.80
C VAL A 40 -12.82 -0.15 -13.33
N VAL A 41 -12.41 -1.23 -12.66
CA VAL A 41 -12.72 -1.39 -11.24
C VAL A 41 -11.39 -1.44 -10.49
N PHE A 42 -11.30 -0.64 -9.43
CA PHE A 42 -10.07 -0.60 -8.65
C PHE A 42 -10.30 -1.12 -7.22
N PRO A 43 -10.05 -2.41 -6.99
CA PRO A 43 -10.25 -2.93 -5.63
C PRO A 43 -9.01 -2.77 -4.75
N VAL A 44 -9.17 -2.98 -3.45
CA VAL A 44 -8.05 -2.90 -2.53
C VAL A 44 -7.01 -3.90 -3.05
N SER A 45 -5.73 -3.57 -2.92
CA SER A 45 -4.69 -4.46 -3.42
C SER A 45 -4.84 -5.94 -3.03
N VAL A 46 -5.08 -6.25 -1.76
CA VAL A 46 -5.22 -7.67 -1.38
C VAL A 46 -6.47 -8.34 -1.94
N HIS A 47 -7.35 -7.54 -2.53
CA HIS A 47 -8.58 -8.04 -3.13
C HIS A 47 -8.44 -8.17 -4.65
N TYR A 48 -7.28 -7.81 -5.19
CA TYR A 48 -7.08 -7.83 -6.63
C TYR A 48 -7.39 -9.16 -7.31
N ASP A 49 -6.62 -10.20 -6.97
CA ASP A 49 -6.80 -11.51 -7.57
C ASP A 49 -8.24 -11.99 -7.48
N HIS A 50 -8.82 -11.88 -6.29
CA HIS A 50 -10.19 -12.30 -6.07
C HIS A 50 -11.13 -11.57 -7.03
N THR A 51 -11.01 -10.25 -7.08
CA THR A 51 -11.83 -9.43 -7.97
C THR A 51 -11.60 -9.71 -9.45
N ARG A 52 -10.33 -9.91 -9.85
CA ARG A 52 -10.02 -10.17 -11.26
C ARG A 52 -10.67 -11.48 -11.69
N LYS A 53 -10.65 -12.47 -10.80
CA LYS A 53 -11.25 -13.76 -11.10
C LYS A 53 -12.78 -13.69 -11.20
N LEU A 54 -13.41 -12.86 -10.38
CA LEU A 54 -14.87 -12.77 -10.39
C LEU A 54 -15.46 -11.88 -11.49
N LEU A 55 -14.70 -10.89 -11.95
CA LEU A 55 -15.17 -9.97 -12.97
C LEU A 55 -14.93 -10.49 -14.39
N GLN A 56 -15.95 -10.41 -15.23
CA GLN A 56 -15.80 -10.85 -16.62
C GLN A 56 -14.85 -9.88 -17.31
N SER A 57 -14.09 -10.39 -18.27
CA SER A 57 -13.14 -9.59 -19.01
C SER A 57 -13.68 -8.28 -19.61
N LYS A 58 -15.00 -8.07 -19.57
CA LYS A 58 -15.55 -6.82 -20.10
C LYS A 58 -14.88 -5.72 -19.28
N PHE A 59 -14.81 -5.93 -17.98
CA PHE A 59 -14.23 -4.95 -17.06
C PHE A 59 -12.73 -4.97 -16.97
N SER A 60 -12.13 -3.78 -16.92
CA SER A 60 -10.70 -3.73 -16.76
C SER A 60 -10.49 -3.59 -15.26
N THR A 61 -9.27 -3.89 -14.79
CA THR A 61 -8.97 -3.77 -13.37
C THR A 61 -7.64 -3.06 -13.14
N GLY A 62 -7.46 -2.54 -11.93
CA GLY A 62 -6.24 -1.84 -11.59
C GLY A 62 -6.08 -1.67 -10.09
N ILE A 63 -5.04 -0.96 -9.67
CA ILE A 63 -4.81 -0.74 -8.26
C ILE A 63 -4.87 0.75 -7.91
N GLN A 64 -5.31 1.03 -6.69
CA GLN A 64 -5.49 2.38 -6.19
C GLN A 64 -4.25 3.22 -5.95
N ASN A 65 -3.07 2.61 -6.09
CA ASN A 65 -1.83 3.35 -5.88
C ASN A 65 -0.66 2.51 -6.35
N VAL A 66 0.46 3.17 -6.64
CA VAL A 66 1.64 2.49 -7.12
C VAL A 66 2.82 3.28 -6.58
N SER A 67 3.93 2.61 -6.34
CA SER A 67 5.13 3.25 -5.81
C SER A 67 5.88 4.15 -6.78
N LYS A 68 6.56 5.14 -6.24
CA LYS A 68 7.37 6.05 -7.06
C LYS A 68 8.77 5.45 -7.23
N PHE A 69 9.01 4.34 -6.53
CA PHE A 69 10.28 3.65 -6.59
C PHE A 69 10.10 2.38 -7.41
N GLY A 70 11.19 1.73 -7.78
CA GLY A 70 11.07 0.49 -8.52
C GLY A 70 11.19 -0.64 -7.52
N ASN A 71 11.62 -1.81 -7.97
CA ASN A 71 11.78 -2.93 -7.06
C ASN A 71 12.94 -2.58 -6.13
N GLY A 72 12.93 -3.16 -4.94
CA GLY A 72 14.00 -2.89 -4.01
C GLY A 72 13.57 -2.91 -2.55
N SER A 73 14.29 -2.16 -1.71
CA SER A 73 14.00 -2.13 -0.29
C SER A 73 13.01 -1.03 0.11
N TYR A 74 11.74 -1.25 -0.22
CA TYR A 74 10.69 -0.30 0.02
C TYR A 74 9.51 -1.03 0.63
N THR A 75 9.67 -1.46 1.87
CA THR A 75 8.64 -2.19 2.57
C THR A 75 7.23 -1.63 2.46
N GLY A 76 6.31 -2.47 2.01
CA GLY A 76 4.91 -2.06 1.90
C GLY A 76 4.51 -1.37 0.62
N GLU A 77 5.45 -1.17 -0.29
CA GLU A 77 5.13 -0.52 -1.55
C GLU A 77 4.94 -1.51 -2.69
N VAL A 78 4.08 -1.14 -3.64
CA VAL A 78 3.82 -1.97 -4.81
C VAL A 78 4.41 -1.24 -6.00
N SER A 79 5.44 -1.81 -6.62
CA SER A 79 6.10 -1.19 -7.76
C SER A 79 5.35 -1.35 -9.08
N ALA A 80 5.70 -0.51 -10.05
CA ALA A 80 5.08 -0.55 -11.38
C ALA A 80 5.43 -1.84 -12.13
N GLU A 81 6.67 -2.32 -11.99
CA GLU A 81 7.05 -3.56 -12.69
C GLU A 81 6.33 -4.77 -12.10
N ILE A 82 6.06 -4.73 -10.80
CA ILE A 82 5.36 -5.81 -10.15
C ILE A 82 3.92 -5.85 -10.67
N ALA A 83 3.32 -4.67 -10.82
CA ALA A 83 1.96 -4.55 -11.32
C ALA A 83 1.90 -5.06 -12.76
N LYS A 84 2.94 -4.77 -13.53
CA LYS A 84 3.01 -5.21 -14.90
C LYS A 84 3.10 -6.73 -14.98
N ASP A 85 4.01 -7.32 -14.19
CA ASP A 85 4.17 -8.77 -14.19
C ASP A 85 2.84 -9.45 -13.88
N LEU A 86 1.99 -8.78 -13.12
CA LEU A 86 0.67 -9.33 -12.77
C LEU A 86 -0.41 -9.03 -13.80
N ASN A 87 -0.03 -8.32 -14.86
CA ASN A 87 -0.98 -7.97 -15.90
C ASN A 87 -2.00 -6.95 -15.37
N ILE A 88 -1.58 -6.11 -14.43
CA ILE A 88 -2.48 -5.08 -13.91
C ILE A 88 -2.43 -3.95 -14.96
N GLU A 89 -3.59 -3.54 -15.44
CA GLU A 89 -3.68 -2.54 -16.50
C GLU A 89 -3.75 -1.05 -16.11
N TYR A 90 -4.35 -0.73 -14.98
CA TYR A 90 -4.47 0.67 -14.57
C TYR A 90 -4.03 0.93 -13.14
N VAL A 91 -3.57 2.14 -12.89
CA VAL A 91 -3.18 2.57 -11.56
C VAL A 91 -3.74 3.98 -11.35
N ILE A 92 -4.19 4.26 -10.14
CA ILE A 92 -4.71 5.59 -9.80
C ILE A 92 -3.53 6.34 -9.15
N ILE A 93 -3.31 7.58 -9.57
CA ILE A 93 -2.21 8.38 -9.04
C ILE A 93 -2.68 9.76 -8.60
N GLY A 94 -2.17 10.22 -7.47
CA GLY A 94 -2.52 11.54 -6.99
C GLY A 94 -3.92 11.78 -6.46
N HIS A 95 -4.58 10.74 -5.97
CA HIS A 95 -5.92 10.88 -5.41
C HIS A 95 -5.79 11.81 -4.20
N PHE A 96 -6.79 12.66 -3.96
CA PHE A 96 -6.67 13.60 -2.87
C PHE A 96 -6.54 13.01 -1.48
N GLU A 97 -7.00 11.77 -1.31
CA GLU A 97 -6.89 11.12 0.00
C GLU A 97 -5.43 10.75 0.25
N ARG A 98 -4.70 10.47 -0.83
CA ARG A 98 -3.30 10.12 -0.70
C ARG A 98 -2.46 11.39 -0.56
N ARG A 99 -2.95 12.49 -1.13
CA ARG A 99 -2.24 13.75 -1.01
C ARG A 99 -2.53 14.32 0.38
N LYS A 100 -3.75 14.12 0.86
CA LYS A 100 -4.17 14.62 2.16
C LYS A 100 -3.70 13.82 3.38
N TYR A 101 -4.11 12.56 3.47
CA TYR A 101 -3.68 11.70 4.56
C TYR A 101 -2.22 11.20 4.44
N PHE A 102 -1.63 11.14 3.25
CA PHE A 102 -0.25 10.58 3.21
C PHE A 102 0.95 11.34 2.69
N HIS A 103 0.78 12.64 2.52
CA HIS A 103 1.83 13.55 2.08
C HIS A 103 2.52 13.33 0.74
N GLU A 104 1.70 12.95 -0.23
CA GLU A 104 2.12 12.77 -1.60
C GLU A 104 2.00 14.14 -2.29
N THR A 105 3.11 14.55 -2.89
CA THR A 105 3.20 15.83 -3.57
C THR A 105 3.05 15.65 -5.09
N ASP A 106 2.98 16.76 -5.82
CA ASP A 106 2.85 16.75 -7.28
C ASP A 106 4.06 16.02 -7.82
N GLU A 107 5.09 16.17 -7.01
CA GLU A 107 6.41 15.65 -7.19
C GLU A 107 6.40 14.11 -7.13
N ASP A 108 5.65 13.52 -6.20
CA ASP A 108 5.54 12.06 -6.12
C ASP A 108 4.62 11.61 -7.26
N VAL A 109 3.70 12.49 -7.65
CA VAL A 109 2.76 12.20 -8.72
C VAL A 109 3.52 11.99 -10.03
N ARG A 110 4.43 12.91 -10.33
CA ARG A 110 5.23 12.85 -11.55
C ARG A 110 6.12 11.61 -11.58
N GLU A 111 6.69 11.25 -10.43
CA GLU A 111 7.56 10.08 -10.38
C GLU A 111 6.78 8.78 -10.57
N LYS A 112 5.59 8.71 -10.00
CA LYS A 112 4.73 7.54 -10.11
C LYS A 112 4.22 7.39 -11.55
N LEU A 113 3.92 8.52 -12.18
CA LEU A 113 3.44 8.51 -13.56
C LEU A 113 4.59 8.12 -14.47
N GLN A 114 5.79 8.58 -14.14
CA GLN A 114 6.96 8.24 -14.96
C GLN A 114 7.21 6.74 -14.83
N ALA A 115 7.15 6.25 -13.61
CA ALA A 115 7.36 4.82 -13.34
C ALA A 115 6.32 3.95 -14.04
N SER A 116 5.07 4.40 -14.05
CA SER A 116 3.98 3.63 -14.67
C SER A 116 4.09 3.56 -16.20
N LEU A 117 4.35 4.69 -16.83
CA LEU A 117 4.47 4.75 -18.27
C LEU A 117 5.68 3.93 -18.70
N LYS A 118 6.73 4.04 -17.91
CA LYS A 118 7.98 3.36 -18.14
C LYS A 118 7.76 1.85 -18.13
N ASN A 119 6.68 1.41 -17.50
CA ASN A 119 6.35 -0.02 -17.43
C ASN A 119 5.08 -0.37 -18.19
N ASN A 120 4.69 0.50 -19.10
CA ASN A 120 3.51 0.32 -19.94
C ASN A 120 2.17 0.14 -19.25
N LEU A 121 1.99 0.78 -18.11
CA LEU A 121 0.72 0.73 -17.39
C LEU A 121 -0.04 1.97 -17.81
N LYS A 122 -1.36 1.93 -17.74
CA LYS A 122 -2.17 3.09 -18.09
C LYS A 122 -2.45 3.81 -16.77
N ALA A 123 -2.36 5.12 -16.77
CA ALA A 123 -2.57 5.86 -15.54
C ALA A 123 -3.76 6.80 -15.49
N VAL A 124 -4.38 6.83 -14.32
CA VAL A 124 -5.51 7.69 -14.03
C VAL A 124 -4.94 8.67 -13.00
N VAL A 125 -4.66 9.90 -13.44
CA VAL A 125 -4.08 10.92 -12.60
C VAL A 125 -5.11 11.90 -12.06
N CYS A 126 -5.04 12.17 -10.77
CA CYS A 126 -5.98 13.07 -10.10
C CYS A 126 -5.37 14.39 -9.63
N PHE A 127 -6.20 15.43 -9.68
CA PHE A 127 -5.83 16.78 -9.25
C PHE A 127 -7.12 17.57 -9.11
N GLY A 128 -7.04 18.72 -8.43
CA GLY A 128 -8.20 19.55 -8.22
C GLY A 128 -7.88 20.55 -7.12
N GLU A 129 -8.63 21.64 -7.06
CA GLU A 129 -8.34 22.66 -6.06
C GLU A 129 -9.25 22.59 -4.83
N SER A 130 -8.75 23.11 -3.73
CA SER A 130 -9.49 23.14 -2.46
C SER A 130 -10.49 24.30 -2.42
N LEU A 131 -11.31 24.34 -1.38
CA LEU A 131 -12.29 25.41 -1.24
C LEU A 131 -11.62 26.76 -1.05
N GLU A 132 -10.52 26.76 -0.30
CA GLU A 132 -9.76 27.97 0.00
C GLU A 132 -9.05 28.54 -1.22
N GLN A 133 -8.79 27.69 -2.20
CA GLN A 133 -8.11 28.14 -3.41
C GLN A 133 -9.15 28.61 -4.41
N ARG A 134 -10.37 28.10 -4.27
CA ARG A 134 -11.44 28.50 -5.16
C ARG A 134 -12.03 29.84 -4.76
N GLU A 135 -12.36 30.00 -3.47
CA GLU A 135 -12.91 31.26 -3.01
C GLU A 135 -11.99 32.42 -3.36
N GLN A 136 -10.69 32.14 -3.51
CA GLN A 136 -9.74 33.18 -3.88
C GLN A 136 -9.49 33.17 -5.39
N ASN A 137 -10.48 32.79 -6.20
CA ASN A 137 -10.30 32.73 -7.65
C ASN A 137 -8.92 32.05 -7.90
N LYS A 138 -8.65 30.89 -7.31
CA LYS A 138 -7.31 30.48 -7.73
C LYS A 138 -7.30 29.23 -8.55
N THR A 139 -8.49 28.74 -8.79
CA THR A 139 -8.72 27.51 -9.50
C THR A 139 -7.79 27.22 -10.66
N ILE A 140 -7.82 28.07 -11.67
CA ILE A 140 -6.98 27.89 -12.85
C ILE A 140 -5.49 27.87 -12.54
N GLU A 141 -5.03 28.78 -11.67
CA GLU A 141 -3.62 28.80 -11.32
C GLU A 141 -3.22 27.44 -10.72
N VAL A 142 -3.99 26.98 -9.73
CA VAL A 142 -3.72 25.71 -9.06
C VAL A 142 -3.74 24.49 -10.00
N ILE A 143 -4.75 24.43 -10.85
CA ILE A 143 -4.88 23.32 -11.80
C ILE A 143 -3.68 23.29 -12.74
N THR A 144 -3.39 24.46 -13.32
CA THR A 144 -2.28 24.60 -14.26
C THR A 144 -0.96 24.16 -13.65
N LYS A 145 -0.76 24.42 -12.37
CA LYS A 145 0.48 23.99 -11.73
C LYS A 145 0.47 22.48 -11.53
N GLN A 146 -0.68 21.93 -11.14
CA GLN A 146 -0.75 20.50 -10.94
C GLN A 146 -0.59 19.68 -12.21
N VAL A 147 -1.10 20.20 -13.33
CA VAL A 147 -0.99 19.51 -14.61
C VAL A 147 0.44 19.65 -15.13
N LYS A 148 1.01 20.84 -15.01
CA LYS A 148 2.37 21.09 -15.47
C LYS A 148 3.36 20.15 -14.80
N ALA A 149 3.07 19.73 -13.58
CA ALA A 149 3.98 18.85 -12.87
C ALA A 149 4.27 17.54 -13.59
N PHE A 150 3.39 17.13 -14.50
CA PHE A 150 3.60 15.84 -15.16
C PHE A 150 3.14 15.74 -16.61
N VAL A 151 2.57 16.81 -17.16
CA VAL A 151 2.06 16.71 -18.52
C VAL A 151 3.10 16.29 -19.56
N ASP A 152 4.33 16.77 -19.43
CA ASP A 152 5.38 16.46 -20.39
C ASP A 152 5.72 14.97 -20.48
N LEU A 153 5.37 14.20 -19.46
CA LEU A 153 5.66 12.77 -19.47
C LEU A 153 4.68 11.98 -20.34
N ILE A 154 3.50 12.55 -20.59
CA ILE A 154 2.52 11.84 -21.39
C ILE A 154 2.98 11.60 -22.83
N ASP A 155 3.29 10.35 -23.16
CA ASP A 155 3.73 9.97 -24.50
C ASP A 155 2.55 9.59 -25.40
N ASN A 156 1.70 8.70 -24.91
CA ASN A 156 0.52 8.26 -25.64
C ASN A 156 -0.70 8.80 -24.90
N PHE A 157 -1.43 9.72 -25.53
CA PHE A 157 -2.57 10.34 -24.88
C PHE A 157 -3.86 9.55 -24.73
N ASP A 158 -3.78 8.25 -24.96
CA ASP A 158 -4.94 7.37 -24.78
C ASP A 158 -4.68 6.55 -23.52
N ASN A 159 -3.43 6.53 -23.08
CA ASN A 159 -3.01 5.78 -21.91
C ASN A 159 -2.99 6.55 -20.58
N VAL A 160 -3.18 7.85 -20.63
CA VAL A 160 -3.21 8.62 -19.40
C VAL A 160 -4.56 9.30 -19.31
N ILE A 161 -5.27 9.01 -18.23
CA ILE A 161 -6.58 9.59 -18.02
C ILE A 161 -6.53 10.60 -16.89
N LEU A 162 -6.97 11.83 -17.19
CA LEU A 162 -6.99 12.90 -16.19
C LEU A 162 -8.31 12.89 -15.42
N VAL A 163 -8.24 13.19 -14.14
CA VAL A 163 -9.43 13.24 -13.30
C VAL A 163 -9.43 14.52 -12.49
N TYR A 164 -10.50 15.30 -12.63
CA TYR A 164 -10.63 16.54 -11.89
C TYR A 164 -11.43 16.32 -10.62
N GLU A 165 -10.79 16.52 -9.46
CA GLU A 165 -11.49 16.33 -8.20
C GLU A 165 -11.76 17.68 -7.56
N PRO A 166 -13.04 18.10 -7.56
CA PRO A 166 -13.42 19.39 -6.97
C PRO A 166 -13.44 19.33 -5.43
N LEU A 167 -12.26 19.27 -4.83
CA LEU A 167 -12.13 19.20 -3.38
C LEU A 167 -13.01 20.22 -2.66
N TRP A 168 -13.15 21.40 -3.26
CA TRP A 168 -13.96 22.47 -2.69
C TRP A 168 -15.41 22.05 -2.50
N ALA A 169 -15.85 21.08 -3.30
CA ALA A 169 -17.23 20.60 -3.23
C ALA A 169 -17.27 19.17 -2.74
N ILE A 170 -16.19 18.72 -2.13
CA ILE A 170 -16.11 17.37 -1.60
C ILE A 170 -15.94 17.44 -0.09
N GLY A 171 -16.99 17.04 0.63
CA GLY A 171 -16.93 17.07 2.08
C GLY A 171 -17.14 18.43 2.71
N THR A 172 -17.18 19.48 1.90
CA THR A 172 -17.36 20.86 2.40
C THR A 172 -18.81 21.19 2.70
N GLY A 173 -19.71 20.43 2.06
CA GLY A 173 -21.12 20.70 2.23
C GLY A 173 -21.58 21.55 1.06
N LYS A 174 -20.68 21.76 0.11
CA LYS A 174 -20.94 22.55 -1.09
C LYS A 174 -21.24 21.59 -2.25
N THR A 175 -21.96 22.06 -3.28
CA THR A 175 -22.32 21.24 -4.44
C THR A 175 -21.75 21.74 -5.78
N ALA A 176 -21.33 20.82 -6.64
CA ALA A 176 -20.77 21.20 -7.94
C ALA A 176 -21.74 20.93 -9.09
N THR A 177 -22.30 21.98 -9.68
CA THR A 177 -23.22 21.80 -10.80
C THR A 177 -22.44 21.36 -12.03
N PRO A 178 -23.07 20.55 -12.90
CA PRO A 178 -22.40 20.08 -14.12
C PRO A 178 -21.73 21.20 -14.90
N GLU A 179 -22.38 22.36 -14.99
CA GLU A 179 -21.81 23.49 -15.71
C GLU A 179 -20.50 23.89 -15.06
N GLN A 180 -20.53 24.00 -13.73
CA GLN A 180 -19.34 24.36 -12.98
C GLN A 180 -18.21 23.36 -13.17
N ALA A 181 -18.56 22.13 -13.53
CA ALA A 181 -17.55 21.10 -13.75
C ALA A 181 -17.02 21.24 -15.18
N GLN A 182 -17.94 21.45 -16.11
CA GLN A 182 -17.61 21.61 -17.53
C GLN A 182 -16.67 22.77 -17.78
N LEU A 183 -16.78 23.84 -16.98
CA LEU A 183 -15.91 24.99 -17.16
C LEU A 183 -14.47 24.68 -16.79
N VAL A 184 -14.27 23.84 -15.78
CA VAL A 184 -12.93 23.48 -15.36
C VAL A 184 -12.34 22.51 -16.40
N HIS A 185 -13.14 21.52 -16.82
CA HIS A 185 -12.65 20.58 -17.81
C HIS A 185 -12.22 21.28 -19.09
N LYS A 186 -13.04 22.22 -19.56
CA LYS A 186 -12.73 22.96 -20.77
C LYS A 186 -11.37 23.64 -20.59
N GLU A 187 -11.16 24.21 -19.40
CA GLU A 187 -9.90 24.90 -19.13
C GLU A 187 -8.71 23.94 -19.07
N ILE A 188 -8.94 22.76 -18.52
CA ILE A 188 -7.90 21.75 -18.42
C ILE A 188 -7.49 21.35 -19.84
N ARG A 189 -8.48 21.08 -20.68
CA ARG A 189 -8.22 20.68 -22.06
C ARG A 189 -7.51 21.77 -22.87
N LYS A 190 -7.66 23.02 -22.47
CA LYS A 190 -6.99 24.10 -23.18
C LYS A 190 -5.51 24.10 -22.80
N ILE A 191 -5.24 23.78 -21.54
CA ILE A 191 -3.86 23.74 -21.06
C ILE A 191 -3.09 22.63 -21.76
N VAL A 192 -3.76 21.49 -21.99
CA VAL A 192 -3.14 20.37 -22.67
C VAL A 192 -2.85 20.79 -24.11
N LYS A 193 -3.82 21.45 -24.72
CA LYS A 193 -3.71 21.93 -26.10
C LYS A 193 -2.54 22.88 -26.29
N ASP A 194 -2.39 23.82 -25.35
CA ASP A 194 -1.32 24.80 -25.45
C ASP A 194 0.07 24.33 -25.01
N THR A 195 0.14 23.20 -24.31
CA THR A 195 1.43 22.66 -23.86
C THR A 195 1.82 21.39 -24.60
N CYS A 196 0.86 20.74 -25.25
CA CYS A 196 1.14 19.51 -25.96
C CYS A 196 0.72 19.51 -27.42
N GLY A 197 -0.38 20.21 -27.72
CA GLY A 197 -0.85 20.26 -29.09
C GLY A 197 -2.34 20.00 -29.17
N GLU A 198 -2.92 20.39 -30.29
CA GLU A 198 -4.35 20.23 -30.50
C GLU A 198 -4.81 18.78 -30.63
N LYS A 199 -4.08 17.95 -31.37
CA LYS A 199 -4.49 16.55 -31.53
C LYS A 199 -4.43 15.85 -30.16
N GLN A 200 -3.40 16.15 -29.38
CA GLN A 200 -3.24 15.55 -28.06
C GLN A 200 -4.45 15.87 -27.16
N ALA A 201 -4.78 17.15 -27.04
CA ALA A 201 -5.90 17.59 -26.22
C ALA A 201 -7.25 17.01 -26.65
N ASN A 202 -7.40 16.71 -27.93
CA ASN A 202 -8.66 16.16 -28.40
C ASN A 202 -8.84 14.68 -28.10
N GLN A 203 -7.76 13.95 -27.84
CA GLN A 203 -7.92 12.52 -27.58
C GLN A 203 -7.86 12.09 -26.12
N ILE A 204 -7.33 12.96 -25.26
CA ILE A 204 -7.21 12.63 -23.85
C ILE A 204 -8.52 12.77 -23.08
N ARG A 205 -8.82 11.77 -22.24
CA ARG A 205 -10.04 11.79 -21.45
C ARG A 205 -9.82 12.51 -20.14
N ILE A 206 -10.81 13.31 -19.78
CA ILE A 206 -10.78 14.05 -18.52
C ILE A 206 -12.07 13.68 -17.83
N LEU A 207 -11.95 12.90 -16.75
CA LEU A 207 -13.11 12.44 -16.00
C LEU A 207 -13.48 13.39 -14.86
N TYR A 208 -14.76 13.41 -14.51
CA TYR A 208 -15.23 14.21 -13.39
C TYR A 208 -15.03 13.26 -12.25
N GLY A 209 -14.35 13.69 -11.20
CA GLY A 209 -14.15 12.77 -10.10
C GLY A 209 -14.77 13.31 -8.83
N GLY A 210 -15.88 14.04 -8.96
CA GLY A 210 -16.52 14.57 -7.79
C GLY A 210 -17.57 13.55 -7.38
N SER A 211 -18.48 13.93 -6.49
CA SER A 211 -19.52 13.01 -6.06
C SER A 211 -20.45 12.67 -7.22
N VAL A 212 -20.45 11.39 -7.61
CA VAL A 212 -21.31 10.92 -8.70
C VAL A 212 -22.29 9.87 -8.22
N ASN A 213 -23.55 10.01 -8.64
CA ASN A 213 -24.59 9.06 -8.29
C ASN A 213 -25.47 8.85 -9.51
N THR A 214 -26.53 8.05 -9.33
CA THR A 214 -27.46 7.72 -10.42
C THR A 214 -28.33 8.90 -10.84
N GLU A 215 -28.56 9.82 -9.91
CA GLU A 215 -29.41 10.98 -10.12
C GLU A 215 -28.77 12.18 -10.84
N ASN A 216 -27.45 12.16 -10.98
CA ASN A 216 -26.75 13.27 -11.64
C ASN A 216 -25.73 12.85 -12.71
N CYS A 217 -25.48 11.54 -12.83
CA CYS A 217 -24.50 11.09 -13.83
C CYS A 217 -24.83 11.51 -15.25
N SER A 218 -26.10 11.43 -15.65
CA SER A 218 -26.49 11.82 -17.00
C SER A 218 -26.18 13.28 -17.30
N SER A 219 -26.53 14.17 -16.38
CA SER A 219 -26.26 15.59 -16.57
C SER A 219 -24.78 15.88 -16.82
N LEU A 220 -23.92 15.17 -16.10
CA LEU A 220 -22.48 15.37 -16.21
C LEU A 220 -21.83 14.81 -17.48
N ILE A 221 -22.14 13.55 -17.81
CA ILE A 221 -21.55 12.93 -19.00
C ILE A 221 -21.93 13.67 -20.28
N GLN A 222 -23.02 14.44 -20.23
CA GLN A 222 -23.49 15.20 -21.39
C GLN A 222 -22.61 16.39 -21.72
N GLN A 223 -21.97 16.95 -20.71
CA GLN A 223 -21.07 18.05 -20.95
C GLN A 223 -19.97 17.53 -21.83
N GLU A 224 -19.80 18.25 -22.96
CA GLU A 224 -18.80 18.03 -23.97
C GLU A 224 -17.32 17.90 -23.55
N ASP A 225 -16.94 18.35 -22.35
CA ASP A 225 -15.53 18.20 -21.99
C ASP A 225 -15.34 17.23 -20.84
N ILE A 226 -16.44 16.61 -20.42
CA ILE A 226 -16.43 15.63 -19.35
C ILE A 226 -16.58 14.27 -20.00
N ASP A 227 -15.50 13.50 -20.01
CA ASP A 227 -15.46 12.18 -20.65
C ASP A 227 -15.78 10.98 -19.77
N GLY A 228 -16.28 11.20 -18.58
CA GLY A 228 -16.59 10.08 -17.71
C GLY A 228 -16.33 10.42 -16.26
N PHE A 229 -16.23 9.40 -15.42
CA PHE A 229 -16.00 9.65 -14.01
C PHE A 229 -15.26 8.57 -13.24
N LEU A 230 -14.80 8.98 -12.07
CA LEU A 230 -14.12 8.11 -11.13
C LEU A 230 -15.13 8.12 -9.96
N VAL A 231 -15.95 7.08 -9.89
CA VAL A 231 -16.96 6.99 -8.85
C VAL A 231 -16.44 6.37 -7.56
N GLY A 232 -16.79 7.00 -6.43
CA GLY A 232 -16.39 6.48 -5.14
C GLY A 232 -17.45 5.58 -4.54
N ASN A 233 -18.08 6.06 -3.46
CA ASN A 233 -19.13 5.33 -2.75
C ASN A 233 -20.17 4.64 -3.63
N ALA A 234 -20.72 5.37 -4.59
CA ALA A 234 -21.71 4.80 -5.48
C ALA A 234 -21.22 3.53 -6.19
N SER A 235 -19.91 3.41 -6.37
CA SER A 235 -19.38 2.22 -7.04
C SER A 235 -19.44 0.97 -6.15
N LEU A 236 -19.84 1.16 -4.90
CA LEU A 236 -19.96 0.08 -3.93
C LEU A 236 -21.39 -0.46 -3.84
N LYS A 237 -22.27 0.08 -4.68
CA LYS A 237 -23.66 -0.35 -4.71
C LYS A 237 -23.95 -1.00 -6.06
N GLU A 238 -24.93 -1.90 -6.11
CA GLU A 238 -25.29 -2.57 -7.34
C GLU A 238 -25.82 -1.57 -8.36
N SER A 239 -26.36 -0.46 -7.87
CA SER A 239 -26.92 0.56 -8.74
C SER A 239 -25.84 1.22 -9.58
N PHE A 240 -24.59 0.84 -9.33
CA PHE A 240 -23.47 1.38 -10.07
C PHE A 240 -23.63 1.07 -11.56
N VAL A 241 -24.39 0.01 -11.89
CA VAL A 241 -24.59 -0.35 -13.29
C VAL A 241 -25.38 0.73 -14.00
N ASP A 242 -26.20 1.48 -13.25
CA ASP A 242 -26.99 2.55 -13.86
C ASP A 242 -26.08 3.71 -14.28
N ILE A 243 -25.04 3.95 -13.49
CA ILE A 243 -24.09 5.01 -13.80
C ILE A 243 -23.30 4.61 -15.05
N ILE A 244 -23.01 3.33 -15.17
CA ILE A 244 -22.29 2.85 -16.33
C ILE A 244 -23.19 3.01 -17.55
N LYS A 245 -24.48 2.72 -17.40
CA LYS A 245 -25.43 2.84 -18.51
C LYS A 245 -25.51 4.26 -19.05
N SER A 246 -25.51 5.24 -18.15
CA SER A 246 -25.61 6.63 -18.54
C SER A 246 -24.51 7.02 -19.52
N ALA A 247 -23.45 6.22 -19.56
CA ALA A 247 -22.32 6.50 -20.45
C ALA A 247 -22.31 5.68 -21.73
N MET A 248 -23.34 4.86 -21.96
CA MET A 248 -23.35 4.10 -23.19
C MET A 248 -24.44 4.57 -24.14
N ARG B 3 10.74 -19.46 25.27
CA ARG B 3 10.21 -18.64 24.12
C ARG B 3 10.42 -19.34 22.79
N LYS B 4 9.43 -19.22 21.91
CA LYS B 4 9.51 -19.82 20.57
C LYS B 4 10.30 -18.88 19.65
N TYR B 5 11.29 -19.40 18.94
CA TYR B 5 12.04 -18.56 18.04
C TYR B 5 11.11 -18.10 16.91
N PHE B 6 11.47 -17.03 16.25
CA PHE B 6 10.62 -16.46 15.19
C PHE B 6 11.40 -16.11 13.96
N VAL B 7 11.14 -16.71 12.77
CA VAL B 7 11.99 -16.26 11.72
C VAL B 7 11.11 -15.71 10.64
N ALA B 8 11.29 -14.44 10.29
CA ALA B 8 10.43 -13.84 9.26
C ALA B 8 11.17 -13.40 8.03
N ALA B 9 10.55 -13.63 6.88
CA ALA B 9 11.12 -13.22 5.61
C ALA B 9 10.32 -12.01 5.12
N ASN B 10 10.96 -10.86 5.07
CA ASN B 10 10.31 -9.66 4.56
C ASN B 10 10.86 -9.47 3.14
N TRP B 11 10.07 -9.87 2.15
CA TRP B 11 10.49 -9.75 0.76
C TRP B 11 10.48 -8.32 0.25
N LYS B 12 9.98 -7.40 1.07
CA LYS B 12 9.89 -6.00 0.70
C LYS B 12 9.24 -5.89 -0.68
N CYS B 13 9.70 -4.95 -1.50
CA CYS B 13 9.12 -4.77 -2.83
C CYS B 13 9.89 -5.54 -3.90
N ASN B 14 9.74 -6.87 -3.89
CA ASN B 14 10.42 -7.75 -4.83
C ASN B 14 9.55 -8.94 -5.24
N GLY B 15 9.98 -9.63 -6.29
CA GLY B 15 9.26 -10.80 -6.75
C GLY B 15 8.41 -10.69 -8.00
N THR B 16 8.21 -11.82 -8.65
CA THR B 16 7.39 -11.94 -9.85
C THR B 16 6.64 -13.24 -9.61
N LEU B 17 5.56 -13.49 -10.34
CA LEU B 17 4.83 -14.74 -10.13
C LEU B 17 5.76 -15.93 -10.23
N GLU B 18 6.69 -15.87 -11.19
CA GLU B 18 7.62 -16.96 -11.41
C GLU B 18 8.74 -17.11 -10.39
N SER B 19 9.29 -16.00 -9.88
CA SER B 19 10.35 -16.12 -8.88
C SER B 19 9.78 -16.61 -7.56
N ILE B 20 8.53 -16.26 -7.27
CA ILE B 20 7.87 -16.68 -6.04
C ILE B 20 7.57 -18.17 -6.08
N LYS B 21 7.11 -18.64 -7.23
CA LYS B 21 6.80 -20.05 -7.42
C LYS B 21 8.03 -20.90 -7.17
N SER B 22 9.16 -20.40 -7.65
CA SER B 22 10.44 -21.09 -7.51
C SER B 22 10.99 -20.99 -6.09
N LEU B 23 10.73 -19.87 -5.43
CA LEU B 23 11.23 -19.69 -4.08
C LEU B 23 10.37 -20.46 -3.08
N THR B 24 9.06 -20.50 -3.31
CA THR B 24 8.17 -21.22 -2.39
C THR B 24 8.41 -22.73 -2.42
N ASN B 25 8.76 -23.26 -3.60
CA ASN B 25 9.04 -24.68 -3.74
C ASN B 25 10.22 -25.07 -2.85
N SER B 26 11.27 -24.25 -2.89
CA SER B 26 12.47 -24.50 -2.08
C SER B 26 12.13 -24.45 -0.60
N PHE B 27 11.32 -23.48 -0.22
CA PHE B 27 10.93 -23.32 1.17
C PHE B 27 10.09 -24.49 1.67
N ASN B 28 9.19 -24.98 0.83
CA ASN B 28 8.35 -26.10 1.24
C ASN B 28 9.17 -27.37 1.51
N ASN B 29 10.36 -27.47 0.95
CA ASN B 29 11.21 -28.63 1.14
C ASN B 29 11.77 -28.73 2.55
N LEU B 30 11.86 -27.58 3.23
CA LEU B 30 12.40 -27.56 4.59
C LEU B 30 11.43 -28.09 5.63
N ASP B 31 11.89 -29.10 6.35
CA ASP B 31 11.12 -29.76 7.39
C ASP B 31 11.28 -29.03 8.69
N PHE B 32 10.18 -28.60 9.27
CA PHE B 32 10.28 -27.94 10.55
C PHE B 32 8.93 -28.03 11.21
N ASP B 33 8.96 -28.00 12.53
CA ASP B 33 7.75 -28.13 13.31
C ASP B 33 7.24 -26.75 13.71
N PRO B 34 6.14 -26.30 13.10
CA PRO B 34 5.55 -25.00 13.41
C PRO B 34 5.13 -24.79 14.87
N SER B 35 5.09 -25.87 15.64
CA SER B 35 4.71 -25.74 17.04
C SER B 35 5.94 -25.33 17.84
N LYS B 36 7.13 -25.61 17.30
CA LYS B 36 8.37 -25.27 17.98
C LYS B 36 9.08 -24.08 17.38
N LEU B 37 8.63 -23.62 16.22
CA LEU B 37 9.26 -22.50 15.55
C LEU B 37 8.28 -21.74 14.67
N ASP B 38 8.24 -20.42 14.83
CA ASP B 38 7.36 -19.60 14.00
C ASP B 38 8.19 -19.15 12.82
N VAL B 39 7.68 -19.38 11.63
CA VAL B 39 8.36 -18.97 10.41
C VAL B 39 7.30 -18.24 9.57
N VAL B 40 7.48 -16.93 9.44
CA VAL B 40 6.53 -16.08 8.71
C VAL B 40 7.12 -15.44 7.45
N VAL B 41 6.34 -15.46 6.37
CA VAL B 41 6.74 -14.86 5.11
C VAL B 41 5.85 -13.64 4.85
N PHE B 42 6.46 -12.53 4.43
CA PHE B 42 5.69 -11.32 4.15
C PHE B 42 5.88 -10.87 2.70
N PRO B 43 4.97 -11.27 1.81
CA PRO B 43 5.11 -10.86 0.42
C PRO B 43 4.42 -9.53 0.14
N VAL B 44 4.61 -9.00 -1.06
CA VAL B 44 3.96 -7.76 -1.46
C VAL B 44 2.46 -8.07 -1.44
N SER B 45 1.64 -7.07 -1.15
CA SER B 45 0.19 -7.27 -1.05
C SER B 45 -0.50 -7.95 -2.23
N VAL B 46 -0.11 -7.59 -3.46
CA VAL B 46 -0.73 -8.18 -4.64
C VAL B 46 -0.27 -9.62 -4.86
N HIS B 47 0.71 -10.05 -4.09
CA HIS B 47 1.26 -11.41 -4.17
C HIS B 47 0.81 -12.24 -2.98
N TYR B 48 0.12 -11.62 -2.02
CA TYR B 48 -0.30 -12.35 -0.83
C TYR B 48 -0.98 -13.67 -1.16
N ASP B 49 -2.08 -13.57 -1.88
CA ASP B 49 -2.85 -14.73 -2.23
C ASP B 49 -2.07 -15.77 -3.02
N HIS B 50 -1.30 -15.32 -4.00
CA HIS B 50 -0.51 -16.25 -4.78
C HIS B 50 0.44 -16.99 -3.83
N THR B 51 1.14 -16.24 -2.97
CA THR B 51 2.08 -16.82 -2.03
C THR B 51 1.45 -17.77 -1.00
N ARG B 52 0.29 -17.40 -0.46
CA ARG B 52 -0.40 -18.21 0.54
C ARG B 52 -0.80 -19.58 0.00
N LYS B 53 -1.17 -19.63 -1.28
CA LYS B 53 -1.56 -20.90 -1.88
C LYS B 53 -0.36 -21.79 -2.20
N LEU B 54 0.79 -21.18 -2.44
CA LEU B 54 2.01 -21.91 -2.77
C LEU B 54 2.79 -22.44 -1.56
N LEU B 55 2.61 -21.80 -0.41
CA LEU B 55 3.30 -22.21 0.79
C LEU B 55 2.46 -23.20 1.59
N GLN B 56 3.13 -24.21 2.15
CA GLN B 56 2.43 -25.20 2.96
C GLN B 56 1.98 -24.53 4.25
N SER B 57 0.88 -25.00 4.82
CA SER B 57 0.33 -24.40 6.02
C SER B 57 1.27 -24.28 7.21
N LYS B 58 2.42 -24.96 7.15
CA LYS B 58 3.37 -24.87 8.24
C LYS B 58 3.98 -23.46 8.28
N PHE B 59 3.89 -22.74 7.16
CA PHE B 59 4.40 -21.39 7.07
C PHE B 59 3.30 -20.41 7.37
N SER B 60 3.63 -19.34 8.07
CA SER B 60 2.65 -18.31 8.36
C SER B 60 2.89 -17.22 7.32
N THR B 61 1.88 -16.41 7.07
CA THR B 61 2.01 -15.32 6.11
C THR B 61 1.44 -14.02 6.68
N GLY B 62 1.85 -12.91 6.10
CA GLY B 62 1.38 -11.62 6.57
C GLY B 62 1.69 -10.53 5.57
N ILE B 63 1.24 -9.31 5.84
CA ILE B 63 1.50 -8.21 4.93
C ILE B 63 2.45 -7.17 5.53
N GLN B 64 3.10 -6.44 4.65
CA GLN B 64 4.11 -5.46 5.03
C GLN B 64 3.63 -4.14 5.62
N ASN B 65 2.31 -3.91 5.63
CA ASN B 65 1.82 -2.66 6.18
C ASN B 65 0.29 -2.66 6.29
N VAL B 66 -0.21 -2.01 7.33
CA VAL B 66 -1.66 -1.90 7.53
C VAL B 66 -1.95 -0.44 7.80
N SER B 67 -3.19 -0.05 7.54
CA SER B 67 -3.58 1.32 7.73
C SER B 67 -3.87 1.62 9.19
N LYS B 68 -3.79 2.90 9.53
CA LYS B 68 -4.10 3.31 10.89
C LYS B 68 -5.63 3.61 10.84
N PHE B 69 -6.22 3.63 9.69
CA PHE B 69 -7.69 3.93 9.61
C PHE B 69 -8.51 2.67 9.46
N GLY B 70 -9.84 2.76 9.61
CA GLY B 70 -10.53 1.52 9.39
C GLY B 70 -10.94 1.47 7.94
N ASN B 71 -12.13 0.96 7.70
CA ASN B 71 -12.65 0.91 6.35
C ASN B 71 -13.19 2.29 5.97
N GLY B 72 -13.19 2.62 4.68
CA GLY B 72 -13.69 3.92 4.28
C GLY B 72 -12.93 4.60 3.17
N SER B 73 -13.11 5.90 3.08
CA SER B 73 -12.47 6.72 2.03
C SER B 73 -10.96 6.91 2.26
N TYR B 74 -10.18 5.88 2.03
CA TYR B 74 -8.72 5.98 2.18
C TYR B 74 -7.99 5.26 1.05
N THR B 75 -8.19 5.75 -0.16
CA THR B 75 -7.58 5.19 -1.37
C THR B 75 -6.14 4.69 -1.19
N GLY B 76 -5.91 3.44 -1.57
CA GLY B 76 -4.57 2.88 -1.48
C GLY B 76 -4.24 2.18 -0.17
N GLU B 77 -5.08 2.33 0.84
CA GLU B 77 -4.83 1.70 2.12
C GLU B 77 -5.48 0.34 2.30
N VAL B 78 -4.88 -0.49 3.14
CA VAL B 78 -5.42 -1.80 3.45
C VAL B 78 -5.67 -1.77 4.96
N SER B 79 -6.92 -1.97 5.36
CA SER B 79 -7.29 -1.92 6.77
C SER B 79 -7.20 -3.24 7.51
N ALA B 80 -7.05 -3.15 8.83
CA ALA B 80 -6.97 -4.32 9.68
C ALA B 80 -8.23 -5.17 9.52
N GLU B 81 -9.37 -4.52 9.33
CA GLU B 81 -10.65 -5.23 9.16
C GLU B 81 -10.60 -6.07 7.89
N ILE B 82 -10.01 -5.51 6.85
CA ILE B 82 -9.89 -6.22 5.60
C ILE B 82 -8.88 -7.36 5.73
N ALA B 83 -7.84 -7.14 6.52
CA ALA B 83 -6.84 -8.17 6.73
C ALA B 83 -7.46 -9.33 7.49
N LYS B 84 -8.26 -9.00 8.50
CA LYS B 84 -8.93 -10.01 9.31
C LYS B 84 -9.84 -10.90 8.49
N ASP B 85 -10.62 -10.30 7.59
CA ASP B 85 -11.53 -11.05 6.74
C ASP B 85 -10.82 -12.04 5.83
N LEU B 86 -9.55 -11.78 5.53
CA LEU B 86 -8.77 -12.69 4.68
C LEU B 86 -7.94 -13.65 5.53
N ASN B 87 -8.08 -13.56 6.85
CA ASN B 87 -7.32 -14.39 7.76
C ASN B 87 -5.82 -14.14 7.63
N ILE B 88 -5.47 -12.89 7.37
CA ILE B 88 -4.07 -12.52 7.29
C ILE B 88 -3.62 -12.52 8.76
N GLU B 89 -2.64 -13.35 9.08
CA GLU B 89 -2.17 -13.50 10.45
C GLU B 89 -1.25 -12.38 11.00
N TYR B 90 -0.22 -12.02 10.24
CA TYR B 90 0.72 -10.99 10.71
C TYR B 90 0.79 -9.72 9.87
N VAL B 91 1.14 -8.62 10.53
CA VAL B 91 1.31 -7.35 9.85
C VAL B 91 2.60 -6.73 10.37
N ILE B 92 3.37 -6.10 9.49
CA ILE B 92 4.61 -5.44 9.92
C ILE B 92 4.24 -3.98 10.15
N ILE B 93 4.75 -3.43 11.25
CA ILE B 93 4.45 -2.04 11.58
C ILE B 93 5.72 -1.30 11.99
N GLY B 94 5.82 -0.05 11.56
CA GLY B 94 6.96 0.77 11.93
C GLY B 94 8.28 0.43 11.27
N HIS B 95 8.27 -0.32 10.17
CA HIS B 95 9.51 -0.64 9.50
C HIS B 95 10.19 0.69 9.13
N PHE B 96 11.50 0.77 9.33
CA PHE B 96 12.24 2.00 9.07
C PHE B 96 12.07 2.60 7.67
N GLU B 97 11.92 1.75 6.67
CA GLU B 97 11.72 2.23 5.31
C GLU B 97 10.43 3.07 5.21
N ARG B 98 9.42 2.71 6.00
CA ARG B 98 8.18 3.45 5.99
C ARG B 98 8.32 4.71 6.83
N ARG B 99 9.15 4.65 7.86
CA ARG B 99 9.39 5.81 8.70
C ARG B 99 10.19 6.83 7.91
N LYS B 100 11.14 6.32 7.13
CA LYS B 100 12.02 7.17 6.32
C LYS B 100 11.39 7.73 5.05
N TYR B 101 10.98 6.88 4.15
CA TYR B 101 10.38 7.40 2.91
C TYR B 101 8.93 7.87 3.04
N PHE B 102 8.13 7.27 3.89
CA PHE B 102 6.74 7.73 3.92
C PHE B 102 6.20 8.37 5.17
N HIS B 103 7.16 9.14 5.81
CA HIS B 103 6.92 9.73 7.12
C HIS B 103 6.10 9.01 8.18
N GLU B 104 6.40 7.76 8.47
CA GLU B 104 5.54 7.22 9.49
C GLU B 104 6.05 7.58 10.86
N THR B 105 5.19 8.02 11.79
CA THR B 105 5.64 8.42 13.12
C THR B 105 5.33 7.40 14.20
N ASP B 106 5.77 7.68 15.42
CA ASP B 106 5.53 6.79 16.53
C ASP B 106 4.04 6.74 16.82
N GLU B 107 3.35 7.83 16.51
CA GLU B 107 1.91 7.94 16.71
C GLU B 107 1.22 6.98 15.75
N ASP B 108 1.68 6.97 14.50
CA ASP B 108 1.12 6.09 13.49
C ASP B 108 1.35 4.64 13.89
N VAL B 109 2.57 4.35 14.35
CA VAL B 109 2.89 3.01 14.77
C VAL B 109 1.89 2.58 15.83
N ARG B 110 1.67 3.48 16.79
CA ARG B 110 0.75 3.23 17.89
C ARG B 110 -0.66 2.95 17.40
N GLU B 111 -1.16 3.81 16.52
CA GLU B 111 -2.51 3.66 15.98
C GLU B 111 -2.67 2.34 15.24
N LYS B 112 -1.67 1.99 14.43
CA LYS B 112 -1.71 0.76 13.65
C LYS B 112 -1.67 -0.50 14.51
N LEU B 113 -0.90 -0.46 15.60
CA LEU B 113 -0.83 -1.62 16.48
C LEU B 113 -2.18 -1.77 17.15
N GLN B 114 -2.79 -0.63 17.49
CA GLN B 114 -4.09 -0.65 18.13
C GLN B 114 -5.14 -1.23 17.19
N ALA B 115 -5.14 -0.76 15.94
CA ALA B 115 -6.09 -1.27 14.97
C ALA B 115 -5.85 -2.77 14.72
N SER B 116 -4.58 -3.17 14.68
CA SER B 116 -4.23 -4.57 14.44
C SER B 116 -4.71 -5.48 15.57
N LEU B 117 -4.43 -5.11 16.80
CA LEU B 117 -4.83 -5.94 17.92
C LEU B 117 -6.36 -6.04 18.00
N LYS B 118 -7.03 -4.92 17.84
CA LYS B 118 -8.49 -4.87 17.88
C LYS B 118 -9.08 -5.87 16.86
N ASN B 119 -8.34 -6.12 15.78
CA ASN B 119 -8.81 -7.03 14.75
C ASN B 119 -8.15 -8.40 14.78
N ASN B 120 -7.58 -8.75 15.93
CA ASN B 120 -6.93 -10.04 16.15
C ASN B 120 -5.78 -10.37 15.20
N LEU B 121 -5.08 -9.36 14.72
CA LEU B 121 -3.94 -9.57 13.85
C LEU B 121 -2.73 -9.58 14.77
N LYS B 122 -1.69 -10.32 14.41
CA LYS B 122 -0.47 -10.32 15.23
C LYS B 122 0.49 -9.33 14.56
N ALA B 123 1.15 -8.53 15.38
CA ALA B 123 2.04 -7.51 14.85
C ALA B 123 3.52 -7.68 15.12
N VAL B 124 4.31 -7.30 14.12
CA VAL B 124 5.76 -7.33 14.18
C VAL B 124 6.08 -5.84 14.16
N VAL B 125 6.52 -5.31 15.30
CA VAL B 125 6.80 -3.88 15.36
C VAL B 125 8.27 -3.55 15.30
N CYS B 126 8.61 -2.64 14.39
CA CYS B 126 10.00 -2.25 14.21
C CYS B 126 10.33 -0.89 14.78
N PHE B 127 11.60 -0.74 15.14
CA PHE B 127 12.14 0.49 15.69
C PHE B 127 13.66 0.33 15.77
N GLY B 128 14.36 1.41 16.09
CA GLY B 128 15.80 1.36 16.20
C GLY B 128 16.33 2.75 15.98
N GLU B 129 17.57 3.00 16.39
CA GLU B 129 18.15 4.32 16.25
C GLU B 129 19.03 4.42 15.01
N SER B 130 19.28 5.65 14.59
CA SER B 130 20.11 5.88 13.42
C SER B 130 21.55 6.11 13.86
N LEU B 131 22.43 6.33 12.90
CA LEU B 131 23.85 6.57 13.14
C LEU B 131 24.13 7.79 13.93
N GLU B 132 23.73 8.98 13.42
CA GLU B 132 23.83 10.18 14.15
C GLU B 132 23.33 9.90 15.63
N GLN B 133 22.18 9.15 15.80
CA GLN B 133 21.75 9.04 17.16
C GLN B 133 22.62 8.17 18.11
N ARG B 134 23.30 7.23 17.48
CA ARG B 134 24.14 6.30 18.18
C ARG B 134 25.45 6.96 18.51
N GLU B 135 25.88 7.86 17.64
CA GLU B 135 27.15 8.55 17.87
C GLU B 135 27.03 9.55 19.01
N GLN B 136 25.81 10.02 19.27
CA GLN B 136 25.57 10.96 20.34
C GLN B 136 25.31 10.22 21.63
N ASN B 137 25.36 8.88 21.54
CA ASN B 137 25.14 8.02 22.70
C ASN B 137 23.72 8.19 23.20
N LYS B 138 22.76 8.15 22.28
CA LYS B 138 21.36 8.32 22.64
C LYS B 138 20.55 7.07 22.31
N THR B 139 21.26 6.00 21.99
CA THR B 139 20.64 4.72 21.65
C THR B 139 19.54 4.33 22.63
N ILE B 140 19.93 4.17 23.89
CA ILE B 140 18.99 3.80 24.92
C ILE B 140 17.81 4.75 24.99
N GLU B 141 18.11 6.06 25.01
CA GLU B 141 17.06 7.06 25.08
C GLU B 141 16.07 6.96 23.90
N VAL B 142 16.59 6.83 22.68
CA VAL B 142 15.74 6.74 21.51
C VAL B 142 14.89 5.47 21.51
N ILE B 143 15.52 4.33 21.78
CA ILE B 143 14.84 3.04 21.83
C ILE B 143 13.74 3.04 22.91
N THR B 144 14.01 3.67 24.04
CA THR B 144 13.03 3.72 25.12
C THR B 144 11.80 4.49 24.67
N LYS B 145 12.02 5.66 24.10
CA LYS B 145 10.94 6.51 23.64
C LYS B 145 10.14 5.90 22.48
N GLN B 146 10.75 5.01 21.70
CA GLN B 146 10.04 4.39 20.58
C GLN B 146 9.15 3.25 21.05
N VAL B 147 9.63 2.48 22.02
CA VAL B 147 8.87 1.37 22.55
C VAL B 147 7.72 1.89 23.41
N LYS B 148 8.01 2.84 24.29
CA LYS B 148 6.98 3.40 25.14
C LYS B 148 5.87 4.08 24.34
N ALA B 149 6.06 4.23 23.04
CA ALA B 149 5.03 4.86 22.22
C ALA B 149 3.88 3.89 21.96
N PHE B 150 4.14 2.59 22.11
CA PHE B 150 3.11 1.59 21.84
C PHE B 150 3.01 0.44 22.83
N VAL B 151 3.99 0.26 23.70
CA VAL B 151 3.95 -0.89 24.60
C VAL B 151 2.79 -1.01 25.59
N ASP B 152 2.07 0.07 25.90
CA ASP B 152 0.93 -0.04 26.81
C ASP B 152 -0.27 -0.72 26.12
N LEU B 153 -0.25 -0.76 24.79
CA LEU B 153 -1.33 -1.36 24.00
C LEU B 153 -1.23 -2.87 23.96
N ILE B 154 -0.04 -3.40 24.25
CA ILE B 154 0.17 -4.83 24.21
C ILE B 154 -0.61 -5.55 25.30
N ASP B 155 -1.64 -6.26 24.88
CA ASP B 155 -2.46 -6.99 25.83
C ASP B 155 -1.98 -8.41 26.00
N ASN B 156 -1.49 -8.96 24.91
CA ASN B 156 -1.11 -10.34 24.87
C ASN B 156 0.29 -10.53 24.30
N PHE B 157 1.23 -10.90 25.17
CA PHE B 157 2.62 -11.01 24.75
C PHE B 157 3.11 -12.12 23.84
N ASP B 158 2.18 -12.89 23.28
CA ASP B 158 2.55 -13.92 22.31
C ASP B 158 2.18 -13.37 20.93
N ASN B 159 1.31 -12.36 20.91
CA ASN B 159 0.84 -11.77 19.66
C ASN B 159 1.58 -10.55 19.13
N VAL B 160 2.46 -9.96 19.94
CA VAL B 160 3.24 -8.84 19.47
C VAL B 160 4.72 -9.17 19.52
N ILE B 161 5.38 -9.01 18.38
CA ILE B 161 6.80 -9.30 18.25
C ILE B 161 7.57 -8.00 17.99
N LEU B 162 8.64 -7.78 18.74
CA LEU B 162 9.44 -6.58 18.57
C LEU B 162 10.63 -6.86 17.68
N VAL B 163 11.01 -5.86 16.90
CA VAL B 163 12.12 -6.00 16.00
C VAL B 163 13.06 -4.81 16.13
N TYR B 164 14.31 -5.09 16.51
CA TYR B 164 15.30 -4.03 16.64
C TYR B 164 16.05 -3.87 15.32
N GLU B 165 15.94 -2.70 14.72
CA GLU B 165 16.61 -2.39 13.45
C GLU B 165 17.72 -1.38 13.67
N PRO B 166 18.98 -1.81 13.61
CA PRO B 166 20.11 -0.90 13.80
C PRO B 166 20.36 -0.04 12.56
N LEU B 167 19.56 0.99 12.36
CA LEU B 167 19.73 1.88 11.21
C LEU B 167 21.19 2.32 11.10
N TRP B 168 21.80 2.61 12.24
CA TRP B 168 23.19 3.04 12.30
C TRP B 168 24.11 2.02 11.63
N ALA B 169 23.58 0.84 11.30
CA ALA B 169 24.40 -0.16 10.65
C ALA B 169 23.77 -0.59 9.33
N ILE B 170 22.81 0.19 8.85
CA ILE B 170 22.17 -0.16 7.59
C ILE B 170 22.65 0.74 6.48
N GLY B 171 23.53 0.20 5.65
CA GLY B 171 24.05 0.99 4.56
C GLY B 171 24.93 2.15 4.97
N THR B 172 25.48 2.13 6.19
CA THR B 172 26.38 3.21 6.59
C THR B 172 27.80 2.68 6.57
N GLY B 173 27.96 1.38 6.34
CA GLY B 173 29.29 0.82 6.29
C GLY B 173 29.84 0.35 7.62
N LYS B 174 29.16 0.65 8.72
CA LYS B 174 29.61 0.19 10.02
C LYS B 174 28.88 -1.14 10.20
N THR B 175 29.51 -2.09 10.89
CA THR B 175 28.90 -3.39 11.10
C THR B 175 28.54 -3.61 12.56
N ALA B 176 27.39 -4.25 12.78
CA ALA B 176 26.92 -4.53 14.13
C ALA B 176 27.39 -5.92 14.54
N THR B 177 27.96 -6.03 15.74
CA THR B 177 28.42 -7.32 16.23
C THR B 177 27.32 -8.00 17.03
N PRO B 178 27.40 -9.33 17.14
CA PRO B 178 26.38 -10.06 17.90
C PRO B 178 26.31 -9.51 19.33
N GLU B 179 27.47 -9.23 19.92
CA GLU B 179 27.51 -8.70 21.28
C GLU B 179 26.78 -7.37 21.35
N GLN B 180 27.02 -6.51 20.36
CA GLN B 180 26.35 -5.23 20.32
C GLN B 180 24.84 -5.37 20.16
N ALA B 181 24.39 -6.36 19.40
CA ALA B 181 22.95 -6.56 19.23
C ALA B 181 22.37 -6.99 20.58
N GLN B 182 23.02 -7.96 21.21
CA GLN B 182 22.59 -8.49 22.49
C GLN B 182 22.43 -7.41 23.57
N LEU B 183 23.37 -6.47 23.63
CA LEU B 183 23.28 -5.40 24.62
C LEU B 183 21.97 -4.63 24.47
N VAL B 184 21.63 -4.24 23.23
CA VAL B 184 20.40 -3.51 22.98
C VAL B 184 19.16 -4.36 23.26
N HIS B 185 19.19 -5.63 22.85
CA HIS B 185 18.06 -6.52 23.08
C HIS B 185 17.78 -6.70 24.57
N LYS B 186 18.85 -6.79 25.36
CA LYS B 186 18.69 -6.94 26.81
C LYS B 186 17.99 -5.69 27.34
N GLU B 187 18.42 -4.53 26.86
CA GLU B 187 17.82 -3.28 27.30
C GLU B 187 16.36 -3.19 26.90
N ILE B 188 16.04 -3.62 25.69
CA ILE B 188 14.66 -3.57 25.25
C ILE B 188 13.80 -4.42 26.19
N ARG B 189 14.29 -5.61 26.51
CA ARG B 189 13.54 -6.49 27.39
C ARG B 189 13.34 -5.89 28.78
N LYS B 190 14.30 -5.07 29.20
CA LYS B 190 14.22 -4.43 30.51
C LYS B 190 13.05 -3.44 30.49
N ILE B 191 12.98 -2.67 29.42
CA ILE B 191 11.93 -1.68 29.25
C ILE B 191 10.57 -2.37 29.34
N VAL B 192 10.41 -3.47 28.62
CA VAL B 192 9.18 -4.23 28.62
C VAL B 192 8.94 -4.75 30.03
N LYS B 193 10.01 -5.18 30.68
CA LYS B 193 9.91 -5.67 32.04
C LYS B 193 9.46 -4.56 32.96
N ASP B 194 10.15 -3.41 32.99
CA ASP B 194 9.62 -2.42 33.91
C ASP B 194 8.47 -1.51 33.47
N THR B 195 7.68 -1.95 32.49
CA THR B 195 6.47 -1.23 32.04
C THR B 195 5.31 -2.22 31.96
N CYS B 196 5.59 -3.48 31.63
CA CYS B 196 4.52 -4.48 31.50
C CYS B 196 4.57 -5.62 32.51
N GLY B 197 5.73 -5.89 33.08
CA GLY B 197 5.83 -6.97 34.05
C GLY B 197 6.96 -7.90 33.71
N GLU B 198 7.50 -8.55 34.73
CA GLU B 198 8.61 -9.47 34.53
C GLU B 198 8.17 -10.72 33.75
N LYS B 199 6.95 -11.17 34.00
CA LYS B 199 6.45 -12.36 33.31
C LYS B 199 6.23 -12.05 31.83
N GLN B 200 5.68 -10.87 31.56
CA GLN B 200 5.40 -10.42 30.20
C GLN B 200 6.67 -10.28 29.39
N ALA B 201 7.66 -9.63 30.00
CA ALA B 201 8.94 -9.40 29.35
C ALA B 201 9.68 -10.67 28.93
N ASN B 202 9.53 -11.75 29.70
CA ASN B 202 10.21 -12.99 29.39
C ASN B 202 9.52 -13.81 28.31
N GLN B 203 8.32 -13.39 27.93
CA GLN B 203 7.59 -14.14 26.93
C GLN B 203 7.45 -13.43 25.58
N ILE B 204 7.85 -12.16 25.53
CA ILE B 204 7.75 -11.43 24.28
C ILE B 204 9.00 -11.68 23.42
N ARG B 205 8.81 -11.93 22.14
CA ARG B 205 9.95 -12.17 21.25
C ARG B 205 10.52 -10.87 20.72
N ILE B 206 11.84 -10.77 20.73
CA ILE B 206 12.53 -9.59 20.24
C ILE B 206 13.49 -10.07 19.16
N LEU B 207 13.21 -9.69 17.93
CA LEU B 207 14.01 -10.11 16.81
C LEU B 207 15.03 -9.06 16.41
N TYR B 208 16.12 -9.53 15.83
CA TYR B 208 17.15 -8.65 15.35
C TYR B 208 16.77 -8.41 13.90
N GLY B 209 16.79 -7.16 13.49
CA GLY B 209 16.42 -6.82 12.12
C GLY B 209 17.48 -6.13 11.28
N GLY B 210 18.75 -6.33 11.62
CA GLY B 210 19.81 -5.74 10.82
C GLY B 210 20.10 -6.70 9.68
N SER B 211 21.27 -6.59 9.06
CA SER B 211 21.66 -7.46 7.95
C SER B 211 21.95 -8.89 8.45
N VAL B 212 21.07 -9.82 8.10
CA VAL B 212 21.22 -11.20 8.50
C VAL B 212 21.45 -12.10 7.29
N ASN B 213 22.45 -12.98 7.39
CA ASN B 213 22.75 -13.89 6.30
C ASN B 213 23.08 -15.26 6.87
N THR B 214 23.49 -16.18 6.00
CA THR B 214 23.82 -17.53 6.38
C THR B 214 25.12 -17.61 7.18
N GLU B 215 25.92 -16.54 7.13
CA GLU B 215 27.17 -16.57 7.87
C GLU B 215 27.03 -16.07 9.31
N ASN B 216 26.25 -15.03 9.53
CA ASN B 216 26.11 -14.49 10.88
C ASN B 216 24.87 -14.89 11.69
N CYS B 217 23.91 -15.60 11.11
CA CYS B 217 22.69 -15.96 11.85
C CYS B 217 22.89 -16.81 13.11
N SER B 218 23.67 -17.88 13.01
CA SER B 218 23.92 -18.74 14.15
C SER B 218 24.51 -17.92 15.30
N SER B 219 25.48 -17.05 15.02
CA SER B 219 26.10 -16.26 16.07
C SER B 219 25.14 -15.21 16.65
N LEU B 220 24.12 -14.82 15.89
CA LEU B 220 23.15 -13.85 16.40
C LEU B 220 22.06 -14.57 17.22
N ILE B 221 21.47 -15.61 16.64
CA ILE B 221 20.41 -16.36 17.34
C ILE B 221 20.87 -16.94 18.68
N GLN B 222 22.16 -17.26 18.82
CA GLN B 222 22.67 -17.82 20.07
C GLN B 222 22.69 -16.84 21.25
N GLN B 223 22.55 -15.55 20.99
CA GLN B 223 22.55 -14.59 22.08
C GLN B 223 21.28 -14.75 22.92
N GLU B 224 21.43 -14.60 24.23
CA GLU B 224 20.33 -14.74 25.18
C GLU B 224 19.01 -14.04 24.84
N ASP B 225 19.08 -12.76 24.49
CA ASP B 225 17.88 -11.99 24.20
C ASP B 225 17.50 -11.76 22.76
N ILE B 226 18.09 -12.52 21.86
CA ILE B 226 17.75 -12.40 20.44
C ILE B 226 16.92 -13.67 20.15
N ASP B 227 15.65 -13.48 19.81
CA ASP B 227 14.76 -14.62 19.56
C ASP B 227 14.42 -14.93 18.09
N GLY B 228 15.17 -14.39 17.13
CA GLY B 228 14.85 -14.64 15.76
C GLY B 228 15.22 -13.43 14.89
N PHE B 229 14.67 -13.32 13.71
CA PHE B 229 15.11 -12.21 12.79
C PHE B 229 14.04 -11.58 11.93
N LEU B 230 14.42 -10.57 11.13
CA LEU B 230 13.42 -10.12 10.24
C LEU B 230 14.36 -10.06 9.09
N VAL B 231 14.38 -11.08 8.26
CA VAL B 231 15.34 -11.11 7.15
C VAL B 231 14.93 -10.36 5.91
N GLY B 232 15.86 -9.55 5.39
CA GLY B 232 15.60 -8.79 4.19
C GLY B 232 15.95 -9.55 2.93
N ASN B 233 16.92 -9.06 2.17
CA ASN B 233 17.32 -9.71 0.91
C ASN B 233 17.71 -11.18 1.02
N ALA B 234 18.24 -11.60 2.16
CA ALA B 234 18.63 -13.00 2.30
C ALA B 234 17.38 -13.90 2.22
N SER B 235 16.21 -13.33 2.44
CA SER B 235 14.96 -14.11 2.39
C SER B 235 14.44 -14.27 0.98
N LEU B 236 15.15 -13.67 0.01
CA LEU B 236 14.79 -13.73 -1.40
C LEU B 236 15.61 -14.80 -2.09
N LYS B 237 16.32 -15.61 -1.31
CA LYS B 237 17.15 -16.67 -1.88
C LYS B 237 16.80 -18.03 -1.33
N GLU B 238 17.17 -19.07 -2.07
CA GLU B 238 16.93 -20.43 -1.62
C GLU B 238 17.68 -20.70 -0.32
N SER B 239 18.86 -20.09 -0.16
CA SER B 239 19.64 -20.27 1.05
C SER B 239 18.94 -19.76 2.31
N PHE B 240 17.75 -19.20 2.15
CA PHE B 240 17.02 -18.70 3.31
C PHE B 240 16.74 -19.85 4.29
N VAL B 241 16.48 -21.02 3.74
CA VAL B 241 16.20 -22.21 4.54
C VAL B 241 17.32 -22.48 5.55
N ASP B 242 18.54 -22.05 5.21
CA ASP B 242 19.67 -22.27 6.10
C ASP B 242 19.56 -21.38 7.31
N ILE B 243 19.00 -20.19 7.10
CA ILE B 243 18.81 -19.22 8.17
C ILE B 243 17.75 -19.78 9.12
N ILE B 244 16.67 -20.31 8.58
CA ILE B 244 15.62 -20.90 9.41
C ILE B 244 16.25 -21.98 10.29
N LYS B 245 17.05 -22.86 9.69
CA LYS B 245 17.69 -23.95 10.41
C LYS B 245 18.52 -23.52 11.61
N SER B 246 19.03 -22.29 11.60
CA SER B 246 19.84 -21.83 12.72
C SER B 246 18.99 -21.60 13.94
N ALA B 247 17.67 -21.52 13.76
CA ALA B 247 16.74 -21.30 14.86
C ALA B 247 16.01 -22.57 15.27
N MET B 248 16.35 -23.69 14.63
CA MET B 248 15.72 -24.98 14.95
C MET B 248 16.43 -25.75 16.05
#